data_1EL3
#
_entry.id   1EL3
#
_cell.length_a   49.930
_cell.length_b   67.210
_cell.length_c   47.650
_cell.angle_alpha   90.00
_cell.angle_beta   92.50
_cell.angle_gamma   90.00
#
_symmetry.space_group_name_H-M   'P 1 21 1'
#
loop_
_entity.id
_entity.type
_entity.pdbx_description
1 polymer 'ALDOSE REDUCTASE'
2 non-polymer 'NADP NICOTINAMIDE-ADENINE-DINUCLEOTIDE PHOSPHATE'
3 non-polymer [2,6-DIMETHYL-4-(2-O-TOLYL-ACETYLAMINO)-BENZENESULFONYL]-GLYCINE
4 water water
#
_entity_poly.entity_id   1
_entity_poly.type   'polypeptide(L)'
_entity_poly.pdbx_seq_one_letter_code
;MASRLLLNNGAKMPILGLGTWKSPPGQVTEAVKVAIDVGYRHIDCAHVYQNENEVGVAIQEKLREQVVKREELFIVSKLW
CTYHEKGLVKGACQKTLSDLKLDYLDLYLIHWPTGFKPGKEFFPLDESGNVVPSDTNILDTWAAMEELVDEGLVKAIGIS
NFNHLQVEMILNKPGLKYKPAVNQIECHPYLTQEKLIQYCQSKGIVVTAYSPLGSPDRPWAKPEDPSLLEDPRIKAIAAK
HNKTTAQVLIRFPMQRNLVVIPKSVTPERIAENFKVFDFELSSQDMTTLLSYNRNWRVCALLSCTSHKDYPFHEEF
;
_entity_poly.pdbx_strand_id   A
#
loop_
_chem_comp.id
_chem_comp.type
_chem_comp.name
_chem_comp.formula
I84 non-polymer [2,6-DIMETHYL-4-(2-O-TOLYL-ACETYLAMINO)-BENZENESULFONYL]-GLYCINE 'C19 H22 N2 O5 S'
NAP non-polymer 'NADP NICOTINAMIDE-ADENINE-DINUCLEOTIDE PHOSPHATE' 'C21 H28 N7 O17 P3'
#
# COMPACT_ATOMS: atom_id res chain seq x y z
N MET A 1 -13.98 -15.86 -4.85
CA MET A 1 -14.64 -14.60 -4.54
C MET A 1 -14.33 -13.55 -5.61
N ALA A 2 -15.08 -12.46 -5.63
CA ALA A 2 -14.88 -11.39 -6.61
C ALA A 2 -13.41 -10.97 -6.64
N SER A 3 -12.86 -10.82 -7.84
CA SER A 3 -11.46 -10.45 -7.98
C SER A 3 -11.23 -8.95 -7.80
N ARG A 4 -12.30 -8.15 -7.78
CA ARG A 4 -12.15 -6.71 -7.60
C ARG A 4 -13.13 -6.14 -6.58
N LEU A 5 -12.77 -5.02 -5.94
CA LEU A 5 -13.62 -4.39 -4.92
C LEU A 5 -14.09 -3.01 -5.41
N LEU A 6 -15.34 -2.65 -5.13
CA LEU A 6 -15.89 -1.38 -5.55
C LEU A 6 -15.42 -0.23 -4.66
N LEU A 7 -14.88 0.83 -5.26
CA LEU A 7 -14.40 2.00 -4.53
C LEU A 7 -15.52 3.03 -4.52
N ASN A 8 -15.46 4.03 -3.64
CA ASN A 8 -16.52 5.04 -3.57
C ASN A 8 -16.48 6.03 -4.73
N ASN A 9 -15.56 5.83 -5.68
CA ASN A 9 -15.49 6.71 -6.83
C ASN A 9 -16.14 5.97 -8.01
N GLY A 10 -16.65 4.77 -7.78
CA GLY A 10 -17.28 4.01 -8.83
C GLY A 10 -16.36 3.05 -9.58
N ALA A 11 -15.07 3.10 -9.31
CA ALA A 11 -14.12 2.22 -9.98
C ALA A 11 -13.91 0.92 -9.22
N LYS A 12 -13.50 -0.13 -9.92
CA LYS A 12 -13.24 -1.42 -9.29
C LYS A 12 -11.74 -1.61 -9.15
N MET A 13 -11.29 -1.99 -7.96
CA MET A 13 -9.88 -2.17 -7.68
C MET A 13 -9.57 -3.64 -7.44
N PRO A 14 -8.60 -4.21 -8.17
CA PRO A 14 -8.24 -5.63 -8.00
C PRO A 14 -7.81 -5.89 -6.55
N ILE A 15 -8.38 -6.90 -5.90
CA ILE A 15 -8.05 -7.19 -4.51
C ILE A 15 -6.64 -7.72 -4.29
N LEU A 16 -5.97 -8.17 -5.35
CA LEU A 16 -4.60 -8.67 -5.24
C LEU A 16 -3.69 -7.84 -6.13
N GLY A 17 -2.65 -7.26 -5.56
CA GLY A 17 -1.72 -6.46 -6.35
C GLY A 17 -0.28 -6.86 -6.07
N LEU A 18 0.66 -6.34 -6.85
CA LEU A 18 2.08 -6.64 -6.66
C LEU A 18 2.79 -5.46 -6.00
N GLY A 19 3.48 -5.70 -4.87
CA GLY A 19 4.21 -4.65 -4.21
C GLY A 19 5.57 -4.45 -4.86
N THR A 20 6.14 -3.25 -4.78
CA THR A 20 7.45 -2.98 -5.40
C THR A 20 8.49 -2.33 -4.50
N TRP A 21 8.22 -2.19 -3.21
CA TRP A 21 9.21 -1.60 -2.30
C TRP A 21 10.36 -2.59 -2.14
N LYS A 22 11.60 -2.12 -2.30
CA LYS A 22 12.80 -2.96 -2.17
C LYS A 22 13.06 -3.80 -3.42
N SER A 23 12.22 -3.69 -4.45
CA SER A 23 12.45 -4.46 -5.67
C SER A 23 13.53 -3.71 -6.46
N PRO A 24 14.70 -4.34 -6.63
CA PRO A 24 15.81 -3.72 -7.36
C PRO A 24 15.45 -3.23 -8.76
N PRO A 25 15.99 -2.07 -9.16
CA PRO A 25 15.69 -1.53 -10.50
C PRO A 25 16.04 -2.52 -11.61
N GLY A 26 17.08 -3.31 -11.41
CA GLY A 26 17.49 -4.28 -12.42
C GLY A 26 16.68 -5.56 -12.44
N GLN A 27 15.75 -5.73 -11.51
CA GLN A 27 14.92 -6.93 -11.47
C GLN A 27 13.42 -6.61 -11.51
N VAL A 28 13.04 -5.41 -11.11
CA VAL A 28 11.62 -5.04 -11.08
C VAL A 28 10.92 -5.03 -12.45
N THR A 29 11.64 -4.73 -13.53
CA THR A 29 11.01 -4.72 -14.84
C THR A 29 10.52 -6.14 -15.20
N GLU A 30 11.36 -7.15 -14.99
CA GLU A 30 10.97 -8.53 -15.28
C GLU A 30 9.90 -9.00 -14.31
N ALA A 31 9.98 -8.58 -13.04
CA ALA A 31 8.99 -8.98 -12.05
C ALA A 31 7.60 -8.50 -12.46
N VAL A 32 7.48 -7.24 -12.85
CA VAL A 32 6.17 -6.70 -13.26
C VAL A 32 5.67 -7.33 -14.56
N LYS A 33 6.56 -7.62 -15.50
CA LYS A 33 6.16 -8.23 -16.75
C LYS A 33 5.60 -9.63 -16.49
N VAL A 34 6.26 -10.40 -15.64
CA VAL A 34 5.81 -11.74 -15.32
C VAL A 34 4.49 -11.67 -14.56
N ALA A 35 4.36 -10.70 -13.65
CA ALA A 35 3.12 -10.55 -12.89
C ALA A 35 1.96 -10.30 -13.84
N ILE A 36 2.10 -9.38 -14.78
CA ILE A 36 1.02 -9.10 -15.72
C ILE A 36 0.69 -10.35 -16.54
N ASP A 37 1.71 -11.08 -16.99
CA ASP A 37 1.50 -12.30 -17.78
C ASP A 37 0.68 -13.33 -16.99
N VAL A 38 0.92 -13.42 -15.70
CA VAL A 38 0.26 -14.38 -14.82
C VAL A 38 -1.13 -13.94 -14.39
N GLY A 39 -1.47 -12.66 -14.56
CA GLY A 39 -2.81 -12.21 -14.18
C GLY A 39 -2.92 -10.97 -13.32
N TYR A 40 -1.83 -10.49 -12.74
CA TYR A 40 -1.88 -9.30 -11.90
C TYR A 40 -2.32 -8.10 -12.72
N ARG A 41 -3.18 -7.26 -12.17
CA ARG A 41 -3.66 -6.07 -12.88
C ARG A 41 -3.52 -4.84 -11.97
N HIS A 42 -2.95 -5.04 -10.79
CA HIS A 42 -2.79 -3.97 -9.80
C HIS A 42 -1.32 -3.95 -9.36
N ILE A 43 -0.66 -2.81 -9.51
CA ILE A 43 0.74 -2.66 -9.12
C ILE A 43 0.81 -1.52 -8.11
N ASP A 44 1.46 -1.73 -6.98
CA ASP A 44 1.61 -0.69 -5.97
C ASP A 44 3.01 -0.09 -6.07
N CYS A 45 3.09 1.21 -6.34
CA CYS A 45 4.37 1.90 -6.49
C CYS A 45 4.49 3.11 -5.58
N ALA A 46 5.64 3.77 -5.63
CA ALA A 46 5.89 4.97 -4.84
C ALA A 46 7.17 5.63 -5.36
N HIS A 47 7.19 6.95 -5.43
CA HIS A 47 8.37 7.66 -5.88
C HIS A 47 9.55 7.35 -4.96
N VAL A 48 9.30 7.23 -3.66
CA VAL A 48 10.36 6.95 -2.70
C VAL A 48 11.03 5.59 -2.89
N TYR A 49 10.44 4.67 -3.66
CA TYR A 49 11.03 3.36 -3.90
C TYR A 49 12.17 3.45 -4.91
N GLN A 50 12.26 4.56 -5.63
CA GLN A 50 13.32 4.79 -6.62
C GLN A 50 13.37 3.77 -7.76
N ASN A 51 12.25 3.19 -8.15
CA ASN A 51 12.24 2.22 -9.23
C ASN A 51 11.03 2.40 -10.14
N GLU A 52 10.36 3.55 -10.05
CA GLU A 52 9.18 3.80 -10.86
C GLU A 52 9.49 3.85 -12.36
N ASN A 53 10.69 4.29 -12.75
CA ASN A 53 11.00 4.34 -14.17
C ASN A 53 11.06 2.92 -14.72
N GLU A 54 11.67 1.99 -13.99
CA GLU A 54 11.78 0.60 -14.43
C GLU A 54 10.43 -0.11 -14.39
N VAL A 55 9.56 0.23 -13.45
CA VAL A 55 8.24 -0.37 -13.38
C VAL A 55 7.49 0.10 -14.64
N GLY A 56 7.66 1.37 -14.99
CA GLY A 56 7.00 1.92 -16.16
C GLY A 56 7.41 1.22 -17.45
N VAL A 57 8.67 0.80 -17.55
CA VAL A 57 9.17 0.10 -18.73
C VAL A 57 8.40 -1.20 -18.92
N ALA A 58 8.16 -1.94 -17.83
CA ALA A 58 7.43 -3.20 -17.88
C ALA A 58 6.00 -2.96 -18.33
N ILE A 59 5.33 -1.97 -17.76
CA ILE A 59 3.96 -1.66 -18.11
C ILE A 59 3.83 -1.28 -19.58
N GLN A 60 4.70 -0.40 -20.08
CA GLN A 60 4.64 0.01 -21.46
C GLN A 60 4.87 -1.16 -22.41
N GLU A 61 5.80 -2.05 -22.09
CA GLU A 61 6.05 -3.19 -22.95
C GLU A 61 4.84 -4.10 -23.04
N LYS A 62 4.15 -4.34 -21.93
CA LYS A 62 2.98 -5.20 -21.95
C LYS A 62 1.79 -4.54 -22.66
N LEU A 63 1.70 -3.20 -22.61
CA LEU A 63 0.62 -2.51 -23.30
C LEU A 63 0.94 -2.61 -24.78
N ARG A 64 2.20 -2.38 -25.15
CA ARG A 64 2.64 -2.45 -26.54
C ARG A 64 2.47 -3.86 -27.13
N GLU A 65 2.73 -4.89 -26.34
CA GLU A 65 2.58 -6.27 -26.81
C GLU A 65 1.10 -6.65 -26.88
N GLN A 66 0.25 -5.80 -26.31
CA GLN A 66 -1.19 -6.02 -26.29
C GLN A 66 -1.59 -7.18 -25.39
N VAL A 67 -0.85 -7.38 -24.30
CA VAL A 67 -1.17 -8.43 -23.35
C VAL A 67 -2.29 -7.88 -22.49
N VAL A 68 -2.34 -6.56 -22.33
CA VAL A 68 -3.39 -5.89 -21.55
C VAL A 68 -3.67 -4.49 -22.11
N LYS A 69 -4.83 -3.93 -21.77
CA LYS A 69 -5.20 -2.57 -22.20
C LYS A 69 -5.02 -1.69 -20.97
N ARG A 70 -4.78 -0.40 -21.14
CA ARG A 70 -4.59 0.50 -20.00
C ARG A 70 -5.75 0.48 -19.02
N GLU A 71 -6.98 0.49 -19.54
CA GLU A 71 -8.16 0.51 -18.68
C GLU A 71 -8.28 -0.73 -17.80
N GLU A 72 -7.56 -1.80 -18.13
CA GLU A 72 -7.60 -3.03 -17.36
C GLU A 72 -6.62 -3.01 -16.20
N LEU A 73 -5.67 -2.08 -16.23
CA LEU A 73 -4.67 -1.97 -15.17
C LEU A 73 -5.10 -1.01 -14.08
N PHE A 74 -4.62 -1.23 -12.86
CA PHE A 74 -4.93 -0.37 -11.72
C PHE A 74 -3.56 -0.03 -11.14
N ILE A 75 -3.06 1.14 -11.47
CA ILE A 75 -1.74 1.59 -11.02
C ILE A 75 -1.84 2.57 -9.87
N VAL A 76 -1.13 2.28 -8.79
CA VAL A 76 -1.14 3.11 -7.59
C VAL A 76 0.23 3.67 -7.28
N SER A 77 0.30 4.94 -6.87
CA SER A 77 1.56 5.53 -6.47
C SER A 77 1.27 6.36 -5.21
N LYS A 78 2.31 6.94 -4.61
CA LYS A 78 2.14 7.69 -3.38
C LYS A 78 2.94 8.97 -3.34
N LEU A 79 2.37 9.99 -2.72
CA LEU A 79 3.02 11.30 -2.55
C LEU A 79 3.98 11.22 -1.37
N TRP A 80 5.28 11.46 -1.57
CA TRP A 80 6.21 11.37 -0.46
C TRP A 80 6.07 12.55 0.51
N CYS A 81 6.54 12.36 1.74
CA CYS A 81 6.43 13.35 2.82
C CYS A 81 7.05 14.72 2.59
N THR A 82 8.04 14.83 1.71
CA THR A 82 8.69 16.11 1.45
C THR A 82 7.94 16.96 0.45
N TYR A 83 6.80 16.48 -0.05
CA TYR A 83 6.00 17.22 -1.02
C TYR A 83 4.60 17.50 -0.50
N HIS A 84 4.42 17.60 0.81
CA HIS A 84 3.11 17.85 1.38
C HIS A 84 2.62 19.28 1.16
N GLU A 85 3.53 20.20 0.86
CA GLU A 85 3.15 21.59 0.63
C GLU A 85 2.25 21.68 -0.59
N LYS A 86 1.17 22.45 -0.49
CA LYS A 86 0.20 22.62 -1.57
C LYS A 86 0.81 22.86 -2.94
N GLY A 87 1.84 23.70 -3.04
CA GLY A 87 2.45 23.98 -4.32
C GLY A 87 3.38 22.92 -4.89
N LEU A 88 3.65 21.85 -4.14
CA LEU A 88 4.56 20.81 -4.62
C LEU A 88 3.85 19.51 -4.98
N VAL A 89 2.58 19.37 -4.61
CA VAL A 89 1.83 18.14 -4.87
C VAL A 89 1.69 17.80 -6.35
N LYS A 90 1.25 18.74 -7.18
CA LYS A 90 1.07 18.47 -8.60
C LYS A 90 2.39 18.05 -9.26
N GLY A 91 3.47 18.76 -8.96
CA GLY A 91 4.76 18.44 -9.54
C GLY A 91 5.25 17.06 -9.13
N ALA A 92 4.96 16.63 -7.91
CA ALA A 92 5.38 15.32 -7.43
C ALA A 92 4.62 14.24 -8.19
N CYS A 93 3.33 14.47 -8.43
CA CYS A 93 2.49 13.54 -9.16
C CYS A 93 2.94 13.47 -10.62
N GLN A 94 3.28 14.62 -11.21
CA GLN A 94 3.72 14.64 -12.60
C GLN A 94 5.04 13.90 -12.80
N LYS A 95 5.94 13.96 -11.82
CA LYS A 95 7.20 13.24 -11.92
C LYS A 95 6.92 11.75 -11.96
N THR A 96 6.01 11.29 -11.09
CA THR A 96 5.63 9.87 -11.04
C THR A 96 4.98 9.43 -12.35
N LEU A 97 4.10 10.26 -12.92
CA LEU A 97 3.43 9.92 -14.18
C LEU A 97 4.47 9.86 -15.29
N SER A 98 5.46 10.74 -15.22
CA SER A 98 6.51 10.79 -16.22
C SER A 98 7.36 9.51 -16.13
N ASP A 99 7.72 9.10 -14.92
CA ASP A 99 8.52 7.89 -14.73
C ASP A 99 7.74 6.63 -15.12
N LEU A 100 6.48 6.52 -14.71
CA LEU A 100 5.67 5.35 -15.04
C LEU A 100 5.24 5.37 -16.50
N LYS A 101 5.36 6.52 -17.15
CA LYS A 101 4.98 6.68 -18.56
C LYS A 101 3.48 6.49 -18.77
N LEU A 102 2.67 7.09 -17.91
CA LEU A 102 1.22 7.01 -17.98
C LEU A 102 0.66 8.42 -18.02
N ASP A 103 -0.57 8.62 -18.49
CA ASP A 103 -1.11 9.97 -18.48
C ASP A 103 -2.07 10.13 -17.31
N TYR A 104 -2.27 9.08 -16.51
CA TYR A 104 -3.10 9.16 -15.32
C TYR A 104 -2.84 8.00 -14.38
N LEU A 105 -3.14 8.20 -13.10
CA LEU A 105 -2.97 7.19 -12.06
C LEU A 105 -4.37 6.76 -11.63
N ASP A 106 -4.57 5.48 -11.35
CA ASP A 106 -5.89 5.03 -10.90
C ASP A 106 -6.10 5.44 -9.44
N LEU A 107 -5.02 5.49 -8.67
CA LEU A 107 -5.10 5.86 -7.27
C LEU A 107 -3.80 6.52 -6.81
N TYR A 108 -3.91 7.65 -6.14
CA TYR A 108 -2.74 8.37 -5.62
C TYR A 108 -2.95 8.54 -4.12
N LEU A 109 -2.00 8.07 -3.31
CA LEU A 109 -2.13 8.14 -1.85
C LEU A 109 -1.14 9.09 -1.16
N ILE A 110 -1.54 9.67 -0.04
CA ILE A 110 -0.61 10.49 0.74
C ILE A 110 0.13 9.37 1.48
N HIS A 111 1.42 9.19 1.21
CA HIS A 111 2.23 8.11 1.80
C HIS A 111 2.20 8.01 3.31
N TRP A 112 2.32 9.14 4.00
CA TRP A 112 2.29 9.21 5.46
C TRP A 112 1.62 10.52 5.82
N PRO A 113 0.96 10.59 6.99
CA PRO A 113 0.31 11.84 7.38
C PRO A 113 1.34 12.92 7.73
N THR A 114 2.58 12.51 7.95
CA THR A 114 3.67 13.42 8.32
C THR A 114 4.36 14.14 7.16
N GLY A 115 4.38 15.48 7.19
CA GLY A 115 5.04 16.24 6.15
C GLY A 115 6.46 16.55 6.59
N PHE A 116 7.44 16.42 5.69
CA PHE A 116 8.84 16.70 6.01
C PHE A 116 9.30 17.96 5.28
N LYS A 117 10.41 18.55 5.73
CA LYS A 117 10.96 19.74 5.10
C LYS A 117 11.28 19.43 3.64
N PRO A 118 10.81 20.27 2.71
CA PRO A 118 11.07 20.05 1.28
C PRO A 118 12.56 20.10 0.95
N GLY A 119 12.99 19.33 -0.03
CA GLY A 119 14.40 19.30 -0.40
C GLY A 119 14.71 18.03 -1.15
N LYS A 120 15.98 17.79 -1.47
CA LYS A 120 16.35 16.59 -2.20
C LYS A 120 16.43 15.34 -1.31
N GLU A 121 16.59 15.53 0.00
CA GLU A 121 16.67 14.41 0.94
C GLU A 121 15.29 13.87 1.31
N PHE A 122 15.08 12.56 1.20
CA PHE A 122 13.79 11.94 1.53
C PHE A 122 13.52 11.99 3.03
N PHE A 123 14.58 11.90 3.83
CA PHE A 123 14.47 11.93 5.28
C PHE A 123 15.43 12.99 5.80
N PRO A 124 14.99 14.25 5.84
CA PRO A 124 15.86 15.32 6.32
C PRO A 124 16.00 15.25 7.84
N LEU A 125 17.23 15.18 8.35
CA LEU A 125 17.45 15.11 9.79
C LEU A 125 18.15 16.38 10.25
N ASP A 126 17.95 16.77 11.51
CA ASP A 126 18.60 17.97 12.02
C ASP A 126 19.94 17.59 12.62
N GLU A 127 20.74 18.58 12.98
CA GLU A 127 22.06 18.36 13.56
C GLU A 127 22.03 17.32 14.68
N SER A 128 20.85 16.93 15.14
CA SER A 128 20.74 15.95 16.21
C SER A 128 20.07 14.65 15.80
N GLY A 129 19.79 14.47 14.51
CA GLY A 129 19.17 13.23 14.06
C GLY A 129 17.67 13.14 13.95
N ASN A 130 16.92 14.13 14.44
CA ASN A 130 15.46 14.09 14.37
C ASN A 130 15.03 14.46 12.95
N VAL A 131 13.85 14.03 12.51
CA VAL A 131 13.39 14.38 11.17
C VAL A 131 12.87 15.83 11.22
N VAL A 132 13.26 16.65 10.26
CA VAL A 132 12.83 18.05 10.22
C VAL A 132 11.42 18.11 9.60
N PRO A 133 10.41 18.46 10.41
CA PRO A 133 9.04 18.53 9.87
C PRO A 133 8.77 19.79 9.06
N SER A 134 7.67 19.80 8.32
CA SER A 134 7.27 20.98 7.57
C SER A 134 6.03 21.47 8.30
N ASP A 135 5.72 22.76 8.23
CA ASP A 135 4.54 23.26 8.94
C ASP A 135 3.26 23.11 8.13
N THR A 136 3.17 22.08 7.30
CA THR A 136 1.99 21.84 6.50
C THR A 136 1.04 20.96 7.29
N ASN A 137 -0.26 21.06 7.04
CA ASN A 137 -1.20 20.22 7.76
C ASN A 137 -1.93 19.31 6.79
N ILE A 138 -2.37 18.15 7.26
CA ILE A 138 -3.06 17.18 6.43
C ILE A 138 -4.21 17.75 5.61
N LEU A 139 -5.01 18.66 6.18
CA LEU A 139 -6.14 19.23 5.45
C LEU A 139 -5.75 20.00 4.19
N ASP A 140 -4.69 20.78 4.24
CA ASP A 140 -4.25 21.54 3.06
C ASP A 140 -3.70 20.58 2.01
N THR A 141 -2.97 19.56 2.44
CA THR A 141 -2.42 18.59 1.52
C THR A 141 -3.59 17.89 0.83
N TRP A 142 -4.64 17.56 1.57
CA TRP A 142 -5.79 16.89 0.97
C TRP A 142 -6.42 17.74 -0.11
N ALA A 143 -6.57 19.05 0.14
CA ALA A 143 -7.15 19.94 -0.85
C ALA A 143 -6.33 19.92 -2.13
N ALA A 144 -5.00 19.84 -2.00
CA ALA A 144 -4.13 19.80 -3.18
C ALA A 144 -4.32 18.48 -3.92
N MET A 145 -4.56 17.39 -3.18
CA MET A 145 -4.78 16.09 -3.79
C MET A 145 -6.11 16.11 -4.55
N GLU A 146 -7.12 16.75 -4.00
CA GLU A 146 -8.42 16.83 -4.66
C GLU A 146 -8.28 17.55 -5.99
N GLU A 147 -7.38 18.52 -6.08
CA GLU A 147 -7.15 19.25 -7.33
C GLU A 147 -6.64 18.31 -8.43
N LEU A 148 -5.87 17.30 -8.09
CA LEU A 148 -5.35 16.36 -9.08
C LEU A 148 -6.50 15.60 -9.73
N VAL A 149 -7.55 15.31 -8.96
CA VAL A 149 -8.70 14.60 -9.49
C VAL A 149 -9.41 15.51 -10.50
N ASP A 150 -9.59 16.77 -10.15
CA ASP A 150 -10.28 17.73 -11.03
C ASP A 150 -9.49 18.03 -12.29
N GLU A 151 -8.17 17.82 -12.27
CA GLU A 151 -7.33 18.08 -13.43
C GLU A 151 -7.15 16.84 -14.30
N GLY A 152 -7.74 15.72 -13.89
CA GLY A 152 -7.64 14.50 -14.67
C GLY A 152 -6.38 13.70 -14.49
N LEU A 153 -5.48 14.12 -13.60
CA LEU A 153 -4.23 13.40 -13.38
C LEU A 153 -4.41 12.08 -12.64
N VAL A 154 -5.38 12.00 -11.73
CA VAL A 154 -5.63 10.76 -11.00
C VAL A 154 -7.13 10.51 -10.91
N LYS A 155 -7.54 9.24 -10.91
CA LYS A 155 -8.96 8.90 -10.85
C LYS A 155 -9.51 8.83 -9.43
N ALA A 156 -8.64 8.55 -8.46
CA ALA A 156 -9.05 8.45 -7.07
C ALA A 156 -7.90 8.83 -6.17
N ILE A 157 -8.18 9.36 -4.99
CA ILE A 157 -7.13 9.72 -4.07
C ILE A 157 -7.38 8.99 -2.75
N GLY A 158 -6.32 8.75 -1.99
CA GLY A 158 -6.45 8.05 -0.73
C GLY A 158 -5.34 8.38 0.24
N ILE A 159 -5.26 7.63 1.32
CA ILE A 159 -4.26 7.85 2.36
C ILE A 159 -3.56 6.56 2.74
N SER A 160 -2.47 6.67 3.49
CA SER A 160 -1.70 5.50 3.92
C SER A 160 -1.10 5.79 5.29
N ASN A 161 -1.17 4.82 6.21
CA ASN A 161 -0.63 4.98 7.56
C ASN A 161 -1.33 6.07 8.38
N PHE A 162 -2.63 6.29 8.13
CA PHE A 162 -3.41 7.29 8.86
C PHE A 162 -4.16 6.58 9.98
N ASN A 163 -4.16 7.11 11.20
CA ASN A 163 -4.90 6.48 12.29
C ASN A 163 -6.36 6.94 12.20
N HIS A 164 -7.26 6.38 13.00
CA HIS A 164 -8.66 6.76 12.88
C HIS A 164 -8.99 8.22 13.14
N LEU A 165 -8.22 8.92 13.98
CA LEU A 165 -8.48 10.33 14.24
C LEU A 165 -8.06 11.16 13.03
N GLN A 166 -6.99 10.76 12.36
CA GLN A 166 -6.52 11.49 11.18
C GLN A 166 -7.48 11.26 10.03
N VAL A 167 -8.07 10.07 9.93
CA VAL A 167 -9.03 9.81 8.87
C VAL A 167 -10.23 10.71 9.16
N GLU A 168 -10.67 10.74 10.42
CA GLU A 168 -11.81 11.56 10.83
C GLU A 168 -11.60 13.04 10.52
N MET A 169 -10.37 13.52 10.68
CA MET A 169 -10.03 14.91 10.39
C MET A 169 -10.36 15.24 8.94
N ILE A 170 -10.03 14.32 8.02
CA ILE A 170 -10.31 14.54 6.61
C ILE A 170 -11.82 14.46 6.36
N LEU A 171 -12.48 13.44 6.91
CA LEU A 171 -13.92 13.27 6.71
C LEU A 171 -14.73 14.47 7.24
N ASN A 172 -14.16 15.23 8.18
CA ASN A 172 -14.85 16.38 8.75
C ASN A 172 -14.30 17.68 8.17
N LYS A 173 -13.41 17.59 7.18
CA LYS A 173 -12.83 18.79 6.60
C LYS A 173 -13.89 19.70 5.97
N PRO A 174 -13.84 21.00 6.30
CA PRO A 174 -14.83 21.92 5.72
C PRO A 174 -14.57 22.04 4.23
N GLY A 175 -15.60 21.84 3.41
CA GLY A 175 -15.42 21.95 1.98
C GLY A 175 -14.97 20.64 1.35
N LEU A 176 -14.94 19.55 2.12
CA LEU A 176 -14.53 18.24 1.61
C LEU A 176 -15.22 17.95 0.27
N LYS A 177 -14.44 17.70 -0.78
CA LYS A 177 -15.01 17.43 -2.10
C LYS A 177 -14.95 15.94 -2.42
N TYR A 178 -13.80 15.31 -2.19
CA TYR A 178 -13.63 13.88 -2.46
C TYR A 178 -13.19 13.15 -1.21
N LYS A 179 -13.92 12.11 -0.81
CA LYS A 179 -13.55 11.35 0.38
C LYS A 179 -12.41 10.41 0.02
N PRO A 180 -11.58 10.05 1.01
CA PRO A 180 -10.48 9.13 0.69
C PRO A 180 -11.11 7.81 0.25
N ALA A 181 -10.63 7.22 -0.84
CA ALA A 181 -11.20 5.96 -1.33
C ALA A 181 -10.54 4.75 -0.67
N VAL A 182 -9.30 4.92 -0.23
CA VAL A 182 -8.54 3.83 0.36
C VAL A 182 -7.60 4.28 1.47
N ASN A 183 -7.35 3.42 2.47
CA ASN A 183 -6.38 3.69 3.52
C ASN A 183 -5.50 2.45 3.47
N GLN A 184 -4.24 2.61 3.04
CA GLN A 184 -3.32 1.50 2.96
C GLN A 184 -2.54 1.41 4.27
N ILE A 185 -2.67 0.28 4.99
CA ILE A 185 -2.01 0.13 6.29
C ILE A 185 -1.36 -1.24 6.47
N GLU A 186 -0.44 -1.35 7.41
CA GLU A 186 0.23 -2.61 7.69
C GLU A 186 -0.80 -3.56 8.30
N CYS A 187 -0.84 -4.81 7.84
CA CYS A 187 -1.81 -5.76 8.38
C CYS A 187 -1.38 -7.18 8.08
N HIS A 188 -1.32 -8.01 9.13
CA HIS A 188 -0.95 -9.41 9.02
C HIS A 188 -1.34 -10.02 10.37
N PRO A 189 -1.24 -11.36 10.52
CA PRO A 189 -1.61 -12.00 11.79
C PRO A 189 -0.96 -11.48 13.08
N TYR A 190 0.17 -10.79 13.01
CA TYR A 190 0.78 -10.26 14.23
C TYR A 190 0.35 -8.82 14.48
N LEU A 191 -0.38 -8.22 13.53
CA LEU A 191 -0.89 -6.85 13.64
C LEU A 191 -2.22 -6.86 12.89
N THR A 192 -3.25 -7.41 13.53
CA THR A 192 -4.55 -7.58 12.91
C THR A 192 -5.40 -6.34 12.61
N GLN A 193 -5.17 -5.23 13.30
CA GLN A 193 -5.88 -3.98 13.05
C GLN A 193 -7.41 -4.03 13.06
N GLU A 194 -8.00 -4.86 13.91
CA GLU A 194 -9.46 -4.96 13.97
C GLU A 194 -10.18 -3.62 14.09
N LYS A 195 -9.79 -2.80 15.06
CA LYS A 195 -10.43 -1.50 15.29
C LYS A 195 -10.34 -0.55 14.10
N LEU A 196 -9.14 -0.32 13.57
CA LEU A 196 -8.99 0.60 12.43
C LEU A 196 -9.70 0.09 11.18
N ILE A 197 -9.66 -1.22 10.92
CA ILE A 197 -10.31 -1.78 9.74
C ILE A 197 -11.82 -1.61 9.84
N GLN A 198 -12.37 -1.88 11.01
CA GLN A 198 -13.80 -1.75 11.24
C GLN A 198 -14.19 -0.29 11.05
N TYR A 199 -13.41 0.63 11.60
CA TYR A 199 -13.68 2.05 11.46
C TYR A 199 -13.71 2.46 10.00
N CYS A 200 -12.65 2.13 9.26
CA CYS A 200 -12.57 2.48 7.85
C CYS A 200 -13.70 1.88 7.03
N GLN A 201 -13.94 0.58 7.17
CA GLN A 201 -15.00 -0.05 6.41
C GLN A 201 -16.36 0.57 6.72
N SER A 202 -16.61 0.93 7.97
CA SER A 202 -17.89 1.53 8.34
C SER A 202 -18.06 2.89 7.65
N LYS A 203 -16.96 3.52 7.25
CA LYS A 203 -17.02 4.81 6.57
C LYS A 203 -16.96 4.66 5.05
N GLY A 204 -16.99 3.43 4.55
CA GLY A 204 -16.96 3.22 3.12
C GLY A 204 -15.57 3.37 2.52
N ILE A 205 -14.54 3.30 3.36
CA ILE A 205 -13.16 3.43 2.88
C ILE A 205 -12.56 2.03 2.76
N VAL A 206 -12.02 1.71 1.59
CA VAL A 206 -11.43 0.38 1.37
C VAL A 206 -10.06 0.33 2.01
N VAL A 207 -9.74 -0.80 2.64
CA VAL A 207 -8.45 -0.95 3.28
C VAL A 207 -7.54 -1.88 2.51
N THR A 208 -6.29 -1.45 2.29
CA THR A 208 -5.30 -2.28 1.60
C THR A 208 -4.29 -2.69 2.66
N ALA A 209 -4.01 -3.98 2.76
CA ALA A 209 -3.06 -4.50 3.75
C ALA A 209 -1.68 -4.63 3.15
N TYR A 210 -0.70 -3.93 3.71
CA TYR A 210 0.66 -4.02 3.22
C TYR A 210 1.52 -4.91 4.13
N SER A 211 2.69 -5.34 3.64
CA SER A 211 3.58 -6.23 4.38
C SER A 211 2.78 -7.44 4.88
N PRO A 212 1.96 -8.06 4.00
CA PRO A 212 1.15 -9.22 4.40
C PRO A 212 1.96 -10.43 4.83
N LEU A 213 3.22 -10.53 4.38
CA LEU A 213 4.07 -11.65 4.73
C LEU A 213 5.05 -11.29 5.85
N GLY A 214 4.91 -10.12 6.46
CA GLY A 214 5.81 -9.74 7.53
C GLY A 214 7.09 -9.09 7.04
N SER A 215 7.13 -8.71 5.77
CA SER A 215 8.31 -8.05 5.18
C SER A 215 9.66 -8.65 5.58
N PRO A 216 9.86 -9.95 5.33
CA PRO A 216 11.13 -10.60 5.69
C PRO A 216 12.38 -9.90 5.16
N ASP A 217 12.28 -9.18 4.05
CA ASP A 217 13.45 -8.48 3.49
C ASP A 217 13.58 -7.03 3.95
N ARG A 218 12.82 -6.61 4.96
CA ARG A 218 12.93 -5.24 5.47
C ARG A 218 14.39 -5.04 5.87
N PRO A 219 14.98 -3.89 5.51
CA PRO A 219 16.38 -3.61 5.85
C PRO A 219 16.70 -3.69 7.33
N TRP A 220 15.80 -3.24 8.20
CA TRP A 220 16.06 -3.26 9.64
C TRP A 220 15.69 -4.59 10.29
N ALA A 221 15.48 -5.63 9.50
CA ALA A 221 15.13 -6.95 10.03
C ALA A 221 16.22 -7.47 10.95
N LYS A 222 15.96 -7.51 12.25
CA LYS A 222 16.95 -8.00 13.19
C LYS A 222 16.94 -9.54 13.22
N PRO A 223 18.12 -10.16 13.12
CA PRO A 223 18.36 -11.60 13.13
C PRO A 223 17.34 -12.48 13.85
N GLU A 224 16.68 -11.99 14.90
CA GLU A 224 15.70 -12.82 15.59
C GLU A 224 14.35 -12.17 15.88
N ASP A 225 13.75 -11.53 14.88
CA ASP A 225 12.45 -10.91 15.04
C ASP A 225 11.42 -12.00 14.74
N PRO A 226 10.14 -11.75 15.05
CA PRO A 226 9.15 -12.79 14.75
C PRO A 226 9.15 -13.07 13.24
N SER A 227 8.74 -14.26 12.82
CA SER A 227 8.70 -14.58 11.40
C SER A 227 7.40 -15.27 11.04
N LEU A 228 6.49 -14.57 10.38
CA LEU A 228 5.20 -15.15 9.99
C LEU A 228 5.36 -16.35 9.07
N LEU A 229 6.25 -16.25 8.09
CA LEU A 229 6.45 -17.34 7.14
C LEU A 229 6.90 -18.63 7.81
N GLU A 230 7.52 -18.55 8.98
CA GLU A 230 7.98 -19.75 9.65
C GLU A 230 7.25 -20.07 10.95
N ASP A 231 6.10 -19.44 11.17
CA ASP A 231 5.31 -19.69 12.37
C ASP A 231 4.74 -21.11 12.21
N PRO A 232 5.05 -22.02 13.15
CA PRO A 232 4.53 -23.39 13.03
C PRO A 232 3.01 -23.49 13.02
N ARG A 233 2.32 -22.60 13.73
CA ARG A 233 0.86 -22.61 13.78
C ARG A 233 0.30 -22.26 12.41
N ILE A 234 0.92 -21.32 11.71
CA ILE A 234 0.44 -20.93 10.39
C ILE A 234 0.80 -22.03 9.39
N LYS A 235 1.95 -22.66 9.56
CA LYS A 235 2.38 -23.75 8.67
C LYS A 235 1.37 -24.88 8.75
N ALA A 236 0.84 -25.15 9.94
CA ALA A 236 -0.15 -26.21 10.13
C ALA A 236 -1.41 -25.92 9.34
N ILE A 237 -1.89 -24.69 9.40
CA ILE A 237 -3.10 -24.31 8.68
C ILE A 237 -2.86 -24.46 7.17
N ALA A 238 -1.70 -24.04 6.69
CA ALA A 238 -1.38 -24.15 5.27
C ALA A 238 -1.35 -25.62 4.85
N ALA A 239 -0.69 -26.46 5.64
CA ALA A 239 -0.59 -27.89 5.34
C ALA A 239 -1.98 -28.51 5.23
N LYS A 240 -2.90 -28.13 6.10
CA LYS A 240 -4.25 -28.65 6.08
C LYS A 240 -4.96 -28.34 4.77
N HIS A 241 -4.63 -27.21 4.13
CA HIS A 241 -5.26 -26.82 2.87
C HIS A 241 -4.37 -27.16 1.68
N ASN A 242 -3.22 -27.76 1.91
CA ASN A 242 -2.29 -28.11 0.83
C ASN A 242 -1.83 -26.87 0.09
N LYS A 243 -1.62 -25.77 0.81
CA LYS A 243 -1.16 -24.53 0.22
C LYS A 243 0.09 -24.10 0.96
N THR A 244 0.81 -23.10 0.46
CA THR A 244 2.02 -22.64 1.14
C THR A 244 1.60 -21.65 2.22
N THR A 245 2.45 -21.39 3.21
CA THR A 245 2.09 -20.45 4.26
C THR A 245 1.90 -19.06 3.65
N ALA A 246 2.65 -18.73 2.60
CA ALA A 246 2.51 -17.43 1.95
C ALA A 246 1.12 -17.32 1.35
N GLN A 247 0.62 -18.39 0.73
CA GLN A 247 -0.71 -18.35 0.14
C GLN A 247 -1.76 -18.17 1.23
N VAL A 248 -1.57 -18.79 2.39
CA VAL A 248 -2.51 -18.65 3.49
C VAL A 248 -2.47 -17.20 3.98
N LEU A 249 -1.27 -16.62 4.10
CA LEU A 249 -1.13 -15.25 4.56
C LEU A 249 -1.72 -14.24 3.58
N ILE A 250 -1.81 -14.59 2.31
CA ILE A 250 -2.36 -13.70 1.30
C ILE A 250 -3.89 -13.86 1.25
N ARG A 251 -4.37 -15.08 1.43
CA ARG A 251 -5.81 -15.37 1.42
C ARG A 251 -6.49 -14.77 2.66
N PHE A 252 -5.78 -14.74 3.78
CA PHE A 252 -6.28 -14.22 5.04
C PHE A 252 -6.92 -12.82 4.91
N PRO A 253 -6.14 -11.79 4.49
CA PRO A 253 -6.77 -10.46 4.37
C PRO A 253 -7.89 -10.41 3.33
N MET A 254 -7.77 -11.20 2.26
CA MET A 254 -8.79 -11.23 1.22
C MET A 254 -10.16 -11.57 1.82
N GLN A 255 -10.22 -12.53 2.73
CA GLN A 255 -11.50 -12.91 3.31
C GLN A 255 -12.00 -11.92 4.35
N ARG A 256 -11.23 -10.89 4.66
CA ARG A 256 -11.63 -9.85 5.60
C ARG A 256 -12.07 -8.66 4.76
N ASN A 257 -12.23 -8.87 3.46
CA ASN A 257 -12.65 -7.83 2.52
C ASN A 257 -11.59 -6.75 2.34
N LEU A 258 -10.32 -7.14 2.40
CA LEU A 258 -9.22 -6.19 2.23
C LEU A 258 -8.50 -6.45 0.92
N VAL A 259 -7.80 -5.44 0.42
CA VAL A 259 -7.00 -5.57 -0.79
C VAL A 259 -5.62 -5.93 -0.21
N VAL A 260 -4.85 -6.75 -0.89
CA VAL A 260 -3.54 -7.14 -0.36
C VAL A 260 -2.48 -7.04 -1.45
N ILE A 261 -1.29 -6.54 -1.10
CA ILE A 261 -0.23 -6.35 -2.08
C ILE A 261 1.12 -6.99 -1.74
N PRO A 262 1.23 -8.33 -1.84
CA PRO A 262 2.50 -8.98 -1.53
C PRO A 262 3.58 -8.56 -2.52
N LYS A 263 4.82 -8.44 -2.06
CA LYS A 263 5.92 -8.06 -2.93
C LYS A 263 6.81 -9.25 -3.23
N SER A 264 7.28 -9.36 -4.47
CA SER A 264 8.19 -10.43 -4.85
C SER A 264 8.86 -10.08 -6.18
N VAL A 265 10.12 -10.44 -6.35
CA VAL A 265 10.82 -10.21 -7.61
C VAL A 265 11.16 -11.59 -8.17
N THR A 266 10.69 -12.65 -7.51
CA THR A 266 10.95 -14.03 -7.93
C THR A 266 9.79 -14.57 -8.77
N PRO A 267 10.04 -14.85 -10.05
CA PRO A 267 9.00 -15.37 -10.95
C PRO A 267 8.13 -16.49 -10.38
N GLU A 268 8.73 -17.50 -9.75
CA GLU A 268 7.97 -18.62 -9.20
C GLU A 268 7.07 -18.19 -8.04
N ARG A 269 7.52 -17.25 -7.22
CA ARG A 269 6.72 -16.80 -6.10
C ARG A 269 5.62 -15.86 -6.59
N ILE A 270 5.91 -15.05 -7.59
CA ILE A 270 4.91 -14.14 -8.14
C ILE A 270 3.74 -14.98 -8.61
N ALA A 271 4.02 -16.09 -9.29
CA ALA A 271 2.98 -17.00 -9.80
C ALA A 271 2.27 -17.71 -8.65
N GLU A 272 3.02 -18.21 -7.67
CA GLU A 272 2.43 -18.91 -6.53
C GLU A 272 1.51 -17.98 -5.74
N ASN A 273 1.93 -16.74 -5.51
CA ASN A 273 1.15 -15.78 -4.74
C ASN A 273 -0.19 -15.41 -5.39
N PHE A 274 -0.34 -15.67 -6.69
CA PHE A 274 -1.59 -15.34 -7.38
C PHE A 274 -2.59 -16.50 -7.34
N LYS A 275 -2.13 -17.71 -7.03
CA LYS A 275 -3.01 -18.87 -6.98
C LYS A 275 -3.65 -18.96 -5.61
N VAL A 276 -4.46 -17.95 -5.27
CA VAL A 276 -5.12 -17.90 -3.97
C VAL A 276 -6.64 -17.79 -4.12
N PHE A 277 -7.15 -18.00 -5.33
CA PHE A 277 -8.59 -17.90 -5.55
C PHE A 277 -9.26 -19.26 -5.61
N ASP A 278 -8.50 -20.34 -5.43
CA ASP A 278 -9.06 -21.68 -5.51
C ASP A 278 -9.28 -22.39 -4.18
N PHE A 279 -9.12 -21.71 -3.06
CA PHE A 279 -9.35 -22.35 -1.78
C PHE A 279 -9.95 -21.35 -0.80
N GLU A 280 -10.46 -21.84 0.33
CA GLU A 280 -11.11 -20.96 1.29
C GLU A 280 -10.75 -21.31 2.73
N LEU A 281 -10.45 -20.31 3.55
CA LEU A 281 -10.14 -20.55 4.95
C LEU A 281 -11.47 -20.58 5.70
N SER A 282 -11.62 -21.48 6.67
CA SER A 282 -12.87 -21.58 7.42
C SER A 282 -12.98 -20.45 8.45
N SER A 283 -14.17 -20.22 9.00
CA SER A 283 -14.37 -19.18 9.99
C SER A 283 -13.44 -19.47 11.17
N GLN A 284 -13.32 -20.74 11.52
CA GLN A 284 -12.47 -21.19 12.62
C GLN A 284 -11.02 -20.80 12.33
N ASP A 285 -10.57 -21.02 11.09
CA ASP A 285 -9.21 -20.70 10.68
C ASP A 285 -8.98 -19.19 10.80
N MET A 286 -9.95 -18.40 10.36
CA MET A 286 -9.85 -16.94 10.40
C MET A 286 -9.75 -16.44 11.82
N THR A 287 -10.64 -16.89 12.69
CA THR A 287 -10.63 -16.48 14.09
C THR A 287 -9.32 -16.89 14.74
N THR A 288 -8.82 -18.07 14.40
CA THR A 288 -7.56 -18.56 14.94
C THR A 288 -6.42 -17.64 14.49
N LEU A 289 -6.36 -17.34 13.19
CA LEU A 289 -5.33 -16.46 12.63
C LEU A 289 -5.38 -15.08 13.31
N LEU A 290 -6.57 -14.59 13.61
CA LEU A 290 -6.73 -13.29 14.26
C LEU A 290 -6.23 -13.33 15.69
N SER A 291 -6.22 -14.50 16.32
CA SER A 291 -5.77 -14.63 17.71
C SER A 291 -4.26 -14.50 17.86
N TYR A 292 -3.51 -14.52 16.76
CA TYR A 292 -2.07 -14.43 16.83
C TYR A 292 -1.55 -13.00 16.93
N ASN A 293 -2.44 -12.01 16.94
CA ASN A 293 -2.04 -10.62 17.03
C ASN A 293 -1.13 -10.33 18.23
N ARG A 294 -0.05 -9.58 18.00
CA ARG A 294 0.87 -9.20 19.07
C ARG A 294 1.16 -7.71 18.95
N ASN A 295 0.43 -7.01 18.08
CA ASN A 295 0.64 -5.58 17.87
C ASN A 295 2.09 -5.34 17.50
N TRP A 296 2.66 -6.22 16.68
CA TRP A 296 4.03 -6.09 16.22
C TRP A 296 4.03 -5.36 14.88
N ARG A 297 4.76 -4.25 14.81
CA ARG A 297 4.83 -3.41 13.61
C ARG A 297 6.15 -3.51 12.85
N VAL A 298 6.08 -3.71 11.54
CA VAL A 298 7.27 -3.78 10.70
C VAL A 298 7.70 -2.35 10.35
N CYS A 299 6.74 -1.48 10.06
CA CYS A 299 7.03 -0.10 9.69
C CYS A 299 6.52 0.84 10.78
N ALA A 300 7.40 1.25 11.69
CA ALA A 300 7.01 2.14 12.77
C ALA A 300 7.48 3.59 12.59
N LEU A 301 8.21 3.89 11.51
CA LEU A 301 8.69 5.25 11.27
C LEU A 301 9.26 5.85 12.54
N LEU A 302 10.06 5.07 13.27
CA LEU A 302 10.65 5.51 14.54
C LEU A 302 11.36 6.88 14.53
N SER A 303 11.89 7.31 13.39
CA SER A 303 12.57 8.60 13.32
C SER A 303 11.63 9.79 13.40
N CYS A 304 10.32 9.57 13.31
CA CYS A 304 9.36 10.67 13.36
C CYS A 304 8.40 10.57 14.55
N THR A 305 8.76 9.83 15.58
CA THR A 305 7.90 9.69 16.76
C THR A 305 7.63 11.04 17.41
N SER A 306 8.44 12.05 17.09
CA SER A 306 8.29 13.38 17.65
C SER A 306 7.41 14.28 16.76
N HIS A 307 7.17 13.87 15.52
CA HIS A 307 6.35 14.66 14.60
C HIS A 307 4.94 14.83 15.17
N LYS A 308 4.35 16.00 15.00
CA LYS A 308 3.01 16.27 15.52
C LYS A 308 1.96 15.35 14.89
N ASP A 309 2.24 14.83 13.70
CA ASP A 309 1.28 13.96 13.03
C ASP A 309 1.70 12.50 13.01
N TYR A 310 2.66 12.11 13.85
CA TYR A 310 3.08 10.71 13.92
C TYR A 310 1.78 9.96 14.19
N PRO A 311 1.45 8.96 13.36
CA PRO A 311 0.21 8.20 13.55
C PRO A 311 0.11 7.09 14.57
N PHE A 312 1.22 6.55 15.05
CA PHE A 312 1.16 5.41 15.96
C PHE A 312 1.17 5.61 17.47
N HIS A 313 0.89 6.81 17.96
CA HIS A 313 0.84 7.04 19.41
C HIS A 313 -0.57 6.63 19.84
N GLU A 314 -1.56 6.87 18.98
CA GLU A 314 -2.96 6.54 19.27
C GLU A 314 -3.15 5.02 19.26
N GLU A 315 -4.16 4.53 19.97
CA GLU A 315 -4.42 3.10 20.03
C GLU A 315 -4.73 2.56 18.64
N PHE A 316 -5.41 3.35 17.81
CA PHE A 316 -5.74 2.96 16.44
C PHE A 316 -6.21 4.17 15.65
PA NAP B . 5.93 -8.51 2.03
O1A NAP B . 5.24 -8.78 3.32
O2A NAP B . 5.14 -8.54 0.78
O5B NAP B . 7.18 -9.51 1.90
C5B NAP B . 8.08 -9.42 0.78
C4B NAP B . 9.13 -10.48 1.04
O4B NAP B . 8.53 -11.79 1.05
C3B NAP B . 10.28 -10.54 0.04
O3B NAP B . 11.53 -10.81 0.71
C2B NAP B . 9.87 -11.65 -0.89
O2B NAP B . 11.01 -12.27 -1.50
C1B NAP B . 9.14 -12.61 0.03
N9A NAP B . 8.16 -13.52 -0.63
C8A NAP B . 7.21 -13.21 -1.55
N7A NAP B . 6.45 -14.26 -1.85
C5A NAP B . 6.99 -15.24 -1.14
C6A NAP B . 6.60 -16.58 -1.14
N6A NAP B . 5.55 -17.03 -1.85
N1A NAP B . 7.32 -17.42 -0.34
C2A NAP B . 8.35 -17.02 0.44
N3A NAP B . 8.69 -15.72 0.43
C4A NAP B . 8.04 -14.80 -0.36
O3 NAP B . 6.72 -7.14 2.24
PN NAP B . 6.64 -5.58 1.91
O1N NAP B . 7.49 -5.37 0.72
O2N NAP B . 7.01 -4.85 3.15
O5D NAP B . 5.08 -5.29 1.66
C5D NAP B . 4.43 -5.47 0.38
C4D NAP B . 4.19 -4.19 -0.41
O4D NAP B . 3.41 -3.29 0.44
C3D NAP B . 5.43 -3.36 -0.74
O3D NAP B . 6.39 -3.87 -1.64
C2D NAP B . 4.85 -1.97 -0.92
O2D NAP B . 4.30 -1.95 -2.26
C1D NAP B . 3.82 -1.95 0.22
N1N NAP B . 4.20 -1.27 1.51
C2N NAP B . 3.66 0.04 1.65
C3N NAP B . 3.95 0.76 2.83
C7N NAP B . 3.40 2.17 3.11
O7N NAP B . 3.96 2.91 3.93
N7N NAP B . 2.31 2.53 2.45
C4N NAP B . 4.79 0.16 3.80
C5N NAP B . 5.36 -1.12 3.70
C6N NAP B . 5.03 -1.84 2.57
P2B NAP B . 11.45 -12.04 -3.02
O1X NAP B . 10.74 -13.11 -3.74
O2X NAP B . 11.06 -10.66 -3.43
O3X NAP B . 12.92 -12.25 -2.94
C1 I84 C . 19.52 -0.11 4.97
C2 I84 C . 18.52 0.61 5.67
C3 I84 C . 17.54 1.36 4.95
C4 I84 C . 17.60 1.37 3.52
C5 I84 C . 18.61 0.65 2.84
C6 I84 C . 19.57 -0.09 3.56
C11 I84 C . 18.47 0.58 7.18
C15 I84 C . 16.42 2.14 5.65
C16 I84 C . 15.04 2.13 4.93
N19 I84 C . 14.39 3.32 5.05
C20 I84 C . 13.08 3.50 4.67
O21 I84 C . 14.61 1.14 4.32
C22 I84 C . 12.05 3.49 5.63
C23 I84 C . 10.70 3.67 5.24
C24 I84 C . 10.36 3.86 3.86
C25 I84 C . 11.44 3.86 2.89
C26 I84 C . 12.76 3.69 3.30
C29 I84 C . 11.20 4.06 1.42
C33 I84 C . 9.64 3.66 6.31
S37 I84 C . 8.62 4.09 3.39
N38 I84 C . 7.82 2.62 3.77
C39 I84 C . 8.07 1.51 2.89
C40 I84 C . 7.09 1.54 1.74
O43 I84 C . 7.10 0.38 1.05
O44 I84 C . 6.38 2.45 1.47
O45 I84 C . 8.49 4.22 1.97
O46 I84 C . 8.01 5.06 4.25
#